data_6L1K
#
_entry.id   6L1K
#
_cell.length_a   64.773
_cell.length_b   78.846
_cell.length_c   215.218
_cell.angle_alpha   90.000
_cell.angle_beta   90.000
_cell.angle_gamma   90.000
#
_symmetry.space_group_name_H-M   'I 2 2 2'
#
loop_
_entity.id
_entity.type
_entity.pdbx_description
1 polymer 'NADH-dependent butanol dehydrogenase A'
2 non-polymer 'PHOSPHATE ION'
3 water water
#
_entity_poly.entity_id   1
_entity_poly.type   'polypeptide(L)'
_entity_poly.pdbx_seq_one_letter_code
;MDNFNYKNDTKIIFGKDNYSEIGKNIKIFSKKTPKILLHYEADGELIKKLGIYEKVISSLKEFDIEFIELGGVVPNPRLS
LVYEGIKICKEENITFILAVGGASVIDSAKAISLGAVDNGDVWDFFTAKRIPQDTLGIGVVLTIPGAGSEMSESSIITDE
NKKQKAVCDTEVNFPKFAILNPEVCYTIPDRLMAAGIVDILSHLMERYFTKSIDTALSDSLIEATMKIVIKYGPLLMKDR
KNYNYCSQIMWAATMAHNGMIACGRVADWASHRIEHEISGIYDLTHGIGMAIIFPAWMKYTKNIRPQIFEKFFKEVFNTV
NIDEGINKLEEFFKSLGINLKLSDYGITEEYFSLMAEKALGNSETLGRFMQLNKQDIINILNLAK
;
_entity_poly.pdbx_strand_id   A
#
loop_
_chem_comp.id
_chem_comp.type
_chem_comp.name
_chem_comp.formula
PO4 non-polymer 'PHOSPHATE ION' 'O4 P -3'
#
# COMPACT_ATOMS: atom_id res chain seq x y z
N ASP A 2 -17.25 -9.25 16.90
CA ASP A 2 -18.41 -8.85 16.11
C ASP A 2 -18.28 -9.26 14.64
N ASN A 3 -19.40 -9.18 13.93
CA ASN A 3 -19.54 -9.74 12.60
C ASN A 3 -18.66 -9.01 11.59
N PHE A 4 -18.33 -9.72 10.51
CA PHE A 4 -17.56 -9.14 9.43
C PHE A 4 -17.81 -9.94 8.16
N ASN A 5 -17.55 -9.29 7.03
CA ASN A 5 -17.55 -9.92 5.73
C ASN A 5 -16.14 -9.83 5.15
N TYR A 6 -15.76 -10.86 4.40
CA TYR A 6 -14.44 -10.86 3.77
C TYR A 6 -14.59 -11.35 2.34
N LYS A 7 -13.95 -10.65 1.40
CA LYS A 7 -13.87 -11.14 0.03
C LYS A 7 -12.69 -10.49 -0.67
N ASN A 8 -11.89 -11.30 -1.35
CA ASN A 8 -10.85 -10.77 -2.22
C ASN A 8 -10.76 -11.68 -3.43
N ASP A 9 -11.03 -11.11 -4.61
CA ASP A 9 -11.20 -11.81 -5.88
C ASP A 9 -9.89 -12.06 -6.64
N THR A 10 -8.80 -11.40 -6.26
CA THR A 10 -7.63 -11.33 -7.11
C THR A 10 -6.82 -12.61 -7.03
N LYS A 11 -6.48 -13.17 -8.20
CA LYS A 11 -5.61 -14.33 -8.23
C LYS A 11 -4.16 -13.87 -8.02
N ILE A 12 -3.49 -14.45 -7.03
CA ILE A 12 -2.09 -14.12 -6.72
C ILE A 12 -1.20 -15.14 -7.39
N ILE A 13 -0.23 -14.67 -8.16
CA ILE A 13 0.75 -15.53 -8.82
C ILE A 13 2.11 -15.15 -8.22
N PHE A 14 2.61 -15.97 -7.32
CA PHE A 14 3.74 -15.60 -6.47
C PHE A 14 4.99 -16.37 -6.90
N GLY A 15 6.11 -15.66 -7.07
CA GLY A 15 7.36 -16.34 -7.30
C GLY A 15 8.13 -15.71 -8.44
N LYS A 16 9.14 -16.44 -8.93
CA LYS A 16 10.06 -15.95 -9.94
C LYS A 16 10.17 -16.93 -11.09
N ASP A 17 10.87 -16.52 -12.16
CA ASP A 17 11.18 -17.38 -13.30
C ASP A 17 9.92 -17.94 -13.95
N ASN A 18 8.88 -17.12 -14.02
CA ASN A 18 7.55 -17.60 -14.37
C ASN A 18 6.84 -16.59 -15.25
N TYR A 19 7.58 -15.93 -16.15
CA TYR A 19 6.98 -14.84 -16.91
C TYR A 19 5.97 -15.31 -17.94
N SER A 20 5.97 -16.60 -18.28
CA SER A 20 4.89 -17.11 -19.12
C SER A 20 3.55 -17.04 -18.41
N GLU A 21 3.54 -16.85 -17.08
CA GLU A 21 2.27 -16.66 -16.39
C GLU A 21 1.52 -15.44 -16.91
N ILE A 22 2.24 -14.43 -17.43
CA ILE A 22 1.59 -13.24 -17.95
C ILE A 22 0.66 -13.61 -19.11
N GLY A 23 1.21 -14.25 -20.14
CA GLY A 23 0.39 -14.63 -21.28
C GLY A 23 -0.68 -15.64 -20.91
N LYS A 24 -0.34 -16.63 -20.07
CA LYS A 24 -1.31 -17.63 -19.66
C LYS A 24 -2.52 -16.99 -18.99
N ASN A 25 -2.29 -16.03 -18.10
CA ASN A 25 -3.40 -15.50 -17.33
C ASN A 25 -4.19 -14.45 -18.10
N ILE A 26 -3.54 -13.72 -19.02
CA ILE A 26 -4.31 -12.88 -19.93
C ILE A 26 -5.31 -13.70 -20.71
N LYS A 27 -4.89 -14.86 -21.22
CA LYS A 27 -5.82 -15.71 -21.96
C LYS A 27 -6.91 -16.28 -21.05
N ILE A 28 -6.59 -16.52 -19.77
CA ILE A 28 -7.59 -17.04 -18.84
C ILE A 28 -8.71 -16.02 -18.65
N PHE A 29 -8.35 -14.76 -18.46
CA PHE A 29 -9.33 -13.77 -17.99
C PHE A 29 -9.90 -12.87 -19.09
N SER A 30 -9.29 -12.84 -20.27
CA SER A 30 -9.81 -12.02 -21.34
C SER A 30 -10.80 -12.79 -22.21
N LYS A 31 -11.72 -12.04 -22.84
CA LYS A 31 -12.49 -12.54 -23.97
C LYS A 31 -11.54 -13.09 -25.03
N LYS A 32 -12.00 -14.09 -25.79
CA LYS A 32 -11.09 -14.83 -26.66
C LYS A 32 -10.50 -13.91 -27.72
N THR A 33 -9.34 -14.31 -28.23
CA THR A 33 -8.49 -13.39 -28.97
C THR A 33 -8.29 -12.15 -28.10
N PRO A 34 -7.45 -12.24 -27.07
CA PRO A 34 -7.14 -11.03 -26.29
C PRO A 34 -6.44 -10.00 -27.17
N LYS A 35 -6.74 -8.75 -26.89
CA LYS A 35 -6.01 -7.60 -27.44
C LYS A 35 -5.89 -6.63 -26.28
N ILE A 36 -4.67 -6.45 -25.76
CA ILE A 36 -4.53 -5.82 -24.45
C ILE A 36 -3.91 -4.44 -24.60
N LEU A 37 -4.26 -3.58 -23.65
CA LEU A 37 -3.59 -2.31 -23.47
C LEU A 37 -2.48 -2.50 -22.44
N LEU A 38 -1.24 -2.23 -22.84
CA LEU A 38 -0.08 -2.34 -21.96
C LEU A 38 0.21 -0.97 -21.36
N HIS A 39 0.01 -0.83 -20.05
CA HIS A 39 -0.01 0.45 -19.36
C HIS A 39 1.16 0.53 -18.38
N TYR A 40 1.83 1.69 -18.33
CA TYR A 40 3.00 1.83 -17.47
C TYR A 40 3.35 3.30 -17.26
N GLU A 41 4.34 3.54 -16.41
CA GLU A 41 4.74 4.89 -16.01
C GLU A 41 5.64 5.53 -17.06
N ALA A 42 5.42 6.83 -17.29
CA ALA A 42 6.27 7.66 -18.15
C ALA A 42 6.46 6.94 -19.47
N ASP A 43 7.67 6.88 -20.03
CA ASP A 43 7.89 6.15 -21.27
C ASP A 43 8.45 4.76 -21.02
N GLY A 44 8.29 4.25 -19.79
CA GLY A 44 8.75 2.91 -19.46
C GLY A 44 10.24 2.79 -19.24
N GLU A 45 10.95 3.91 -19.03
CA GLU A 45 12.41 3.87 -19.00
C GLU A 45 12.91 2.94 -17.89
N LEU A 46 12.23 2.92 -16.75
CA LEU A 46 12.65 2.08 -15.64
C LEU A 46 12.45 0.60 -15.99
N ILE A 47 11.20 0.17 -16.14
CA ILE A 47 10.92 -1.25 -16.38
C ILE A 47 11.66 -1.76 -17.60
N LYS A 48 12.05 -0.86 -18.51
CA LYS A 48 12.84 -1.25 -19.66
C LYS A 48 14.28 -1.58 -19.24
N LYS A 49 14.91 -0.70 -18.45
CA LYS A 49 16.28 -0.95 -18.05
C LYS A 49 16.38 -2.12 -17.07
N LEU A 50 15.36 -2.31 -16.23
CA LEU A 50 15.31 -3.46 -15.35
C LEU A 50 15.09 -4.77 -16.09
N GLY A 51 14.82 -4.72 -17.40
CA GLY A 51 14.54 -5.92 -18.15
C GLY A 51 13.14 -6.46 -17.98
N ILE A 52 12.27 -5.78 -17.23
CA ILE A 52 10.91 -6.27 -17.05
C ILE A 52 10.09 -6.08 -18.32
N TYR A 53 10.30 -4.96 -19.02
CA TYR A 53 9.57 -4.70 -20.25
C TYR A 53 9.77 -5.82 -21.26
N GLU A 54 11.04 -6.18 -21.52
CA GLU A 54 11.32 -7.20 -22.53
C GLU A 54 10.73 -8.55 -22.15
N LYS A 55 10.70 -8.86 -20.85
CA LYS A 55 10.10 -10.12 -20.42
C LYS A 55 8.59 -10.11 -20.60
N VAL A 56 7.96 -8.95 -20.38
CA VAL A 56 6.52 -8.85 -20.64
C VAL A 56 6.23 -9.02 -22.12
N ILE A 57 6.91 -8.24 -22.97
CA ILE A 57 6.72 -8.34 -24.43
C ILE A 57 6.93 -9.77 -24.89
N SER A 58 7.99 -10.42 -24.40
CA SER A 58 8.25 -11.79 -24.82
C SER A 58 7.12 -12.72 -24.45
N SER A 59 6.53 -12.54 -23.28
CA SER A 59 5.43 -13.41 -22.87
C SER A 59 4.20 -13.17 -23.75
N LEU A 60 3.96 -11.91 -24.13
CA LEU A 60 2.84 -11.59 -25.00
C LEU A 60 3.04 -12.20 -26.39
N LYS A 61 4.26 -12.09 -26.93
CA LYS A 61 4.56 -12.73 -28.22
C LYS A 61 4.41 -14.24 -28.12
N GLU A 62 4.92 -14.83 -27.03
CA GLU A 62 4.88 -16.27 -26.86
C GLU A 62 3.46 -16.81 -26.93
N PHE A 63 2.47 -16.00 -26.57
CA PHE A 63 1.07 -16.43 -26.58
C PHE A 63 0.25 -15.74 -27.67
N ASP A 64 0.91 -15.06 -28.62
CA ASP A 64 0.23 -14.42 -29.75
C ASP A 64 -0.82 -13.42 -29.31
N ILE A 65 -0.50 -12.64 -28.27
CA ILE A 65 -1.41 -11.64 -27.75
C ILE A 65 -1.06 -10.31 -28.39
N GLU A 66 -2.01 -9.74 -29.14
CA GLU A 66 -1.84 -8.43 -29.73
C GLU A 66 -1.96 -7.36 -28.65
N PHE A 67 -1.18 -6.29 -28.80
CA PHE A 67 -1.19 -5.29 -27.74
C PHE A 67 -0.88 -3.91 -28.26
N ILE A 68 -1.45 -2.93 -27.57
CA ILE A 68 -1.19 -1.51 -27.78
C ILE A 68 -0.60 -0.97 -26.48
N GLU A 69 0.44 -0.15 -26.59
CA GLU A 69 1.08 0.44 -25.43
C GLU A 69 0.49 1.81 -25.13
N LEU A 70 0.27 2.09 -23.84
CA LEU A 70 -0.08 3.43 -23.39
C LEU A 70 0.76 3.74 -22.15
N GLY A 71 1.81 4.52 -22.35
CA GLY A 71 2.63 5.00 -21.26
C GLY A 71 2.12 6.32 -20.71
N GLY A 72 2.96 6.96 -19.90
CA GLY A 72 2.71 8.30 -19.45
C GLY A 72 2.09 8.46 -18.07
N VAL A 73 1.94 7.39 -17.31
CA VAL A 73 1.40 7.53 -15.96
C VAL A 73 2.38 8.30 -15.10
N VAL A 74 1.85 9.14 -14.20
CA VAL A 74 2.64 9.95 -13.29
C VAL A 74 2.23 9.59 -11.87
N PRO A 75 3.10 9.87 -10.88
CA PRO A 75 2.90 9.31 -9.52
C PRO A 75 1.54 9.56 -8.88
N ASN A 76 0.87 10.68 -9.18
CA ASN A 76 -0.53 10.86 -8.79
C ASN A 76 -1.35 10.78 -10.07
N PRO A 77 -1.87 9.59 -10.40
CA PRO A 77 -2.38 9.38 -11.77
C PRO A 77 -3.52 10.33 -12.10
N ARG A 78 -3.48 10.84 -13.33
CA ARG A 78 -4.34 11.94 -13.76
C ARG A 78 -5.52 11.45 -14.60
N LEU A 79 -6.67 12.07 -14.39
CA LEU A 79 -7.90 11.70 -15.10
C LEU A 79 -7.75 11.88 -16.61
N SER A 80 -6.96 12.85 -17.04
CA SER A 80 -6.78 13.10 -18.47
C SER A 80 -6.22 11.86 -19.17
N LEU A 81 -5.25 11.19 -18.55
CA LEU A 81 -4.73 9.98 -19.18
C LEU A 81 -5.75 8.86 -19.11
N VAL A 82 -6.55 8.82 -18.06
CA VAL A 82 -7.61 7.83 -17.96
C VAL A 82 -8.60 7.99 -19.11
N TYR A 83 -9.05 9.23 -19.35
CA TYR A 83 -9.96 9.49 -20.46
C TYR A 83 -9.34 9.02 -21.77
N GLU A 84 -8.05 9.29 -21.98
CA GLU A 84 -7.38 8.86 -23.20
C GLU A 84 -7.36 7.35 -23.32
N GLY A 85 -7.05 6.65 -22.23
CA GLY A 85 -7.04 5.20 -22.27
C GLY A 85 -8.41 4.61 -22.55
N ILE A 86 -9.46 5.23 -22.01
CA ILE A 86 -10.82 4.78 -22.28
C ILE A 86 -11.15 4.93 -23.76
N LYS A 87 -10.75 6.05 -24.35
CA LYS A 87 -10.93 6.26 -25.79
C LYS A 87 -10.23 5.18 -26.59
N ILE A 88 -8.96 4.91 -26.27
CA ILE A 88 -8.20 3.88 -26.99
C ILE A 88 -8.86 2.52 -26.84
N CYS A 89 -9.34 2.20 -25.63
CA CYS A 89 -9.96 0.91 -25.40
C CYS A 89 -11.20 0.72 -26.27
N LYS A 90 -12.06 1.73 -26.30
CA LYS A 90 -13.27 1.65 -27.11
C LYS A 90 -12.94 1.61 -28.59
N GLU A 91 -12.02 2.48 -29.03
CA GLU A 91 -11.69 2.62 -30.45
C GLU A 91 -10.98 1.40 -30.99
N GLU A 92 -10.18 0.73 -30.17
CA GLU A 92 -9.35 -0.36 -30.64
C GLU A 92 -9.86 -1.72 -30.16
N ASN A 93 -11.03 -1.77 -29.53
CA ASN A 93 -11.62 -3.03 -29.07
C ASN A 93 -10.68 -3.78 -28.14
N ILE A 94 -10.13 -3.05 -27.17
CA ILE A 94 -9.27 -3.69 -26.16
C ILE A 94 -10.11 -4.62 -25.30
N THR A 95 -9.57 -5.82 -25.05
CA THR A 95 -10.28 -6.82 -24.24
C THR A 95 -9.75 -6.92 -22.81
N PHE A 96 -8.59 -6.34 -22.51
CA PHE A 96 -7.95 -6.52 -21.21
C PHE A 96 -6.84 -5.50 -21.06
N ILE A 97 -6.53 -5.14 -19.82
CA ILE A 97 -5.47 -4.17 -19.53
C ILE A 97 -4.42 -4.84 -18.67
N LEU A 98 -3.15 -4.70 -19.06
CA LEU A 98 -2.03 -5.20 -18.26
C LEU A 98 -1.29 -4.00 -17.68
N ALA A 99 -1.39 -3.84 -16.36
CA ALA A 99 -0.71 -2.75 -15.67
C ALA A 99 0.66 -3.25 -15.23
N VAL A 100 1.71 -2.63 -15.73
CA VAL A 100 3.08 -2.99 -15.36
C VAL A 100 3.65 -1.77 -14.64
N GLY A 101 3.72 -1.85 -13.31
CA GLY A 101 4.23 -0.74 -12.53
C GLY A 101 3.81 -0.89 -11.08
N GLY A 102 3.68 0.27 -10.41
CA GLY A 102 3.24 0.35 -9.04
C GLY A 102 1.84 0.91 -8.92
N ALA A 103 1.55 1.47 -7.74
CA ALA A 103 0.18 1.87 -7.41
C ALA A 103 -0.40 2.84 -8.42
N SER A 104 0.42 3.75 -8.95
CA SER A 104 -0.11 4.77 -9.87
C SER A 104 -0.56 4.14 -11.18
N VAL A 105 0.25 3.24 -11.75
CA VAL A 105 -0.14 2.53 -12.96
C VAL A 105 -1.36 1.65 -12.70
N ILE A 106 -1.39 0.97 -11.55
CA ILE A 106 -2.50 0.08 -11.22
C ILE A 106 -3.81 0.85 -11.13
N ASP A 107 -3.79 2.00 -10.45
CA ASP A 107 -5.02 2.76 -10.26
C ASP A 107 -5.49 3.40 -11.56
N SER A 108 -4.55 3.83 -12.41
CA SER A 108 -4.92 4.35 -13.71
C SER A 108 -5.55 3.24 -14.55
N ALA A 109 -4.93 2.06 -14.57
CA ALA A 109 -5.50 0.91 -15.25
C ALA A 109 -6.89 0.58 -14.72
N LYS A 110 -7.07 0.59 -13.39
CA LYS A 110 -8.38 0.31 -12.81
C LYS A 110 -9.43 1.30 -13.33
N ALA A 111 -9.07 2.57 -13.42
CA ALA A 111 -10.01 3.59 -13.86
C ALA A 111 -10.35 3.45 -15.34
N ILE A 112 -9.34 3.18 -16.17
CA ILE A 112 -9.57 2.90 -17.59
C ILE A 112 -10.50 1.70 -17.74
N SER A 113 -10.28 0.67 -16.91
CA SER A 113 -11.06 -0.56 -17.01
C SER A 113 -12.53 -0.31 -16.72
N LEU A 114 -12.83 0.57 -15.75
CA LEU A 114 -14.20 0.95 -15.48
C LEU A 114 -14.81 1.71 -16.66
N GLY A 115 -14.08 2.70 -17.19
CA GLY A 115 -14.64 3.55 -18.24
C GLY A 115 -14.79 2.84 -19.58
N ALA A 116 -13.95 1.84 -19.86
CA ALA A 116 -13.96 1.20 -21.17
C ALA A 116 -15.28 0.48 -21.45
N VAL A 117 -15.94 -0.04 -20.43
CA VAL A 117 -17.19 -0.77 -20.60
C VAL A 117 -18.39 0.08 -20.21
N ASP A 118 -18.21 1.38 -20.09
CA ASP A 118 -19.24 2.29 -19.62
C ASP A 118 -19.58 3.29 -20.74
N ASN A 119 -20.84 3.68 -20.80
CA ASN A 119 -21.30 4.64 -21.79
C ASN A 119 -21.43 6.05 -21.24
N GLY A 120 -20.98 6.29 -20.01
CA GLY A 120 -21.03 7.62 -19.43
C GLY A 120 -19.66 8.17 -19.05
N ASP A 121 -19.64 9.08 -18.08
CA ASP A 121 -18.42 9.72 -17.60
C ASP A 121 -17.88 8.92 -16.42
N VAL A 122 -16.68 8.36 -16.58
CA VAL A 122 -16.11 7.50 -15.54
C VAL A 122 -15.93 8.27 -14.24
N TRP A 123 -15.76 9.60 -14.32
CA TRP A 123 -15.62 10.42 -13.12
C TRP A 123 -16.85 10.34 -12.22
N ASP A 124 -17.99 9.90 -12.75
CA ASP A 124 -19.17 9.69 -11.91
C ASP A 124 -18.94 8.61 -10.87
N PHE A 125 -18.11 7.60 -11.18
CA PHE A 125 -17.83 6.54 -10.22
C PHE A 125 -16.96 7.08 -9.08
N PHE A 126 -16.18 8.12 -9.34
CA PHE A 126 -15.27 8.70 -8.37
C PHE A 126 -15.90 9.78 -7.52
N THR A 127 -17.06 10.30 -7.92
CA THR A 127 -17.74 11.37 -7.20
C THR A 127 -19.10 10.92 -6.66
N ALA A 128 -19.32 9.61 -6.57
CA ALA A 128 -20.54 9.02 -6.02
C ALA A 128 -21.80 9.34 -6.82
N LYS A 129 -21.65 9.84 -8.06
CA LYS A 129 -22.83 10.01 -8.92
C LYS A 129 -23.39 8.66 -9.35
N ARG A 130 -22.51 7.70 -9.66
CA ARG A 130 -22.93 6.38 -10.12
C ARG A 130 -22.09 5.30 -9.47
N ILE A 131 -22.63 4.08 -9.45
CA ILE A 131 -21.95 2.91 -8.92
C ILE A 131 -21.63 1.98 -10.09
N PRO A 132 -20.36 1.75 -10.43
CA PRO A 132 -20.05 0.90 -11.57
C PRO A 132 -20.51 -0.53 -11.33
N GLN A 133 -21.02 -1.15 -12.39
CA GLN A 133 -21.52 -2.51 -12.31
C GLN A 133 -20.57 -3.53 -12.96
N ASP A 134 -19.52 -3.06 -13.62
CA ASP A 134 -18.70 -3.94 -14.45
C ASP A 134 -17.35 -3.26 -14.68
N THR A 135 -16.36 -4.08 -15.05
CA THR A 135 -15.10 -3.59 -15.61
C THR A 135 -14.64 -4.47 -16.76
N LEU A 136 -13.82 -3.87 -17.60
CA LEU A 136 -13.15 -4.63 -18.65
C LEU A 136 -12.31 -5.76 -18.04
N GLY A 137 -11.47 -5.42 -17.05
CA GLY A 137 -10.61 -6.40 -16.41
C GLY A 137 -9.14 -6.03 -16.58
N ILE A 138 -8.36 -6.13 -15.51
CA ILE A 138 -6.93 -5.83 -15.55
C ILE A 138 -6.13 -6.94 -14.86
N GLY A 139 -4.88 -7.07 -15.29
CA GLY A 139 -3.89 -7.86 -14.58
C GLY A 139 -2.70 -6.96 -14.25
N VAL A 140 -2.01 -7.29 -13.17
CA VAL A 140 -0.94 -6.44 -12.66
C VAL A 140 0.36 -7.22 -12.67
N VAL A 141 1.41 -6.61 -13.23
CA VAL A 141 2.79 -7.06 -13.00
C VAL A 141 3.40 -6.04 -12.04
N LEU A 142 3.53 -6.41 -10.76
CA LEU A 142 3.94 -5.48 -9.72
C LEU A 142 5.45 -5.27 -9.79
N THR A 143 5.87 -4.07 -10.20
CA THR A 143 7.29 -3.76 -10.34
C THR A 143 7.86 -3.04 -9.14
N ILE A 144 7.01 -2.40 -8.33
CA ILE A 144 7.45 -1.69 -7.14
C ILE A 144 6.47 -2.06 -6.04
N PRO A 145 6.90 -2.67 -4.95
CA PRO A 145 5.98 -2.96 -3.85
C PRO A 145 5.47 -1.67 -3.25
N GLY A 146 4.32 -1.75 -2.60
CA GLY A 146 3.72 -0.58 -2.02
C GLY A 146 2.50 -0.94 -1.21
N ALA A 147 1.45 -0.11 -1.32
CA ALA A 147 0.32 -0.18 -0.41
C ALA A 147 -0.69 -1.28 -0.75
N GLY A 148 -0.45 -2.07 -1.78
CA GLY A 148 -1.30 -3.22 -2.06
C GLY A 148 -2.39 -3.02 -3.11
N SER A 149 -2.27 -2.00 -3.97
CA SER A 149 -3.31 -1.74 -4.95
C SER A 149 -3.52 -2.94 -5.88
N GLU A 150 -2.48 -3.73 -6.12
CA GLU A 150 -2.60 -4.87 -7.02
C GLU A 150 -3.62 -5.90 -6.53
N MET A 151 -4.11 -5.79 -5.29
CA MET A 151 -5.12 -6.71 -4.80
C MET A 151 -6.22 -6.00 -4.01
N SER A 152 -6.47 -4.72 -4.30
CA SER A 152 -7.48 -3.92 -3.60
C SER A 152 -8.59 -3.50 -4.56
N GLU A 153 -9.69 -3.02 -3.97
CA GLU A 153 -10.83 -2.55 -4.74
C GLU A 153 -10.88 -1.03 -4.87
N SER A 154 -9.77 -0.35 -4.60
CA SER A 154 -9.73 1.11 -4.67
C SER A 154 -8.86 1.62 -5.80
N SER A 155 -9.27 2.74 -6.37
CA SER A 155 -8.51 3.47 -7.38
C SER A 155 -8.50 4.95 -7.02
N ILE A 156 -7.31 5.56 -7.04
CA ILE A 156 -7.12 6.96 -6.65
C ILE A 156 -6.69 7.75 -7.86
N ILE A 157 -7.53 8.69 -8.30
CA ILE A 157 -7.28 9.46 -9.50
C ILE A 157 -7.42 10.94 -9.14
N THR A 158 -6.54 11.77 -9.72
CA THR A 158 -6.60 13.21 -9.50
C THR A 158 -7.09 13.90 -10.77
N ASP A 159 -8.18 14.66 -10.65
CA ASP A 159 -8.63 15.52 -11.73
C ASP A 159 -7.78 16.78 -11.70
N GLU A 160 -6.74 16.83 -12.55
CA GLU A 160 -5.76 17.89 -12.43
C GLU A 160 -6.32 19.24 -12.84
N ASN A 161 -7.35 19.25 -13.71
CA ASN A 161 -7.95 20.51 -14.13
C ASN A 161 -8.75 21.14 -12.99
N LYS A 162 -9.61 20.37 -12.35
CA LYS A 162 -10.32 20.87 -11.16
C LYS A 162 -9.53 20.64 -9.88
N LYS A 163 -8.28 20.20 -9.98
CA LYS A 163 -7.40 19.94 -8.84
C LYS A 163 -8.13 19.22 -7.71
N GLN A 164 -8.79 18.11 -8.09
CA GLN A 164 -9.58 17.31 -7.18
C GLN A 164 -9.06 15.87 -7.21
N LYS A 165 -8.84 15.29 -6.04
CA LYS A 165 -8.39 13.92 -5.89
C LYS A 165 -9.52 13.08 -5.30
N ALA A 166 -9.87 11.98 -5.96
CA ALA A 166 -11.03 11.20 -5.54
C ALA A 166 -10.74 9.70 -5.59
N VAL A 167 -11.61 8.95 -4.93
CA VAL A 167 -11.49 7.50 -4.80
C VAL A 167 -12.75 6.85 -5.33
N CYS A 168 -12.56 5.74 -6.04
CA CYS A 168 -13.60 4.79 -6.38
C CYS A 168 -13.23 3.48 -5.72
N ASP A 169 -14.06 3.03 -4.77
CA ASP A 169 -13.82 1.82 -4.00
C ASP A 169 -15.00 0.91 -4.25
N THR A 170 -14.80 -0.17 -5.00
CA THR A 170 -15.91 -1.00 -5.39
C THR A 170 -15.38 -2.37 -5.81
N GLU A 171 -16.25 -3.36 -5.67
CA GLU A 171 -15.83 -4.75 -5.82
C GLU A 171 -15.25 -5.03 -7.22
N VAL A 172 -15.82 -4.42 -8.27
CA VAL A 172 -15.34 -4.73 -9.61
C VAL A 172 -13.91 -4.27 -9.85
N ASN A 173 -13.34 -3.45 -8.96
CA ASN A 173 -11.97 -2.95 -9.15
C ASN A 173 -10.89 -4.00 -8.85
N PHE A 174 -11.22 -5.07 -8.11
CA PHE A 174 -10.21 -6.09 -7.82
C PHE A 174 -9.54 -6.54 -9.13
N PRO A 175 -8.23 -6.37 -9.28
CA PRO A 175 -7.56 -6.94 -10.45
C PRO A 175 -7.87 -8.41 -10.58
N LYS A 176 -7.97 -8.88 -11.84
CA LYS A 176 -8.21 -10.30 -12.06
C LYS A 176 -7.03 -11.14 -11.57
N PHE A 177 -5.81 -10.64 -11.75
CA PHE A 177 -4.64 -11.35 -11.22
C PHE A 177 -3.53 -10.34 -10.93
N ALA A 178 -2.61 -10.75 -10.04
CA ALA A 178 -1.43 -9.95 -9.72
C ALA A 178 -0.22 -10.87 -9.66
N ILE A 179 0.82 -10.50 -10.39
CA ILE A 179 2.07 -11.27 -10.43
C ILE A 179 3.03 -10.62 -9.45
N LEU A 180 3.39 -11.35 -8.41
CA LEU A 180 4.25 -10.87 -7.33
C LEU A 180 5.56 -11.65 -7.39
N ASN A 181 6.64 -10.98 -7.79
CA ASN A 181 7.97 -11.57 -7.85
C ASN A 181 8.87 -10.86 -6.83
N PRO A 182 9.28 -11.53 -5.73
CA PRO A 182 10.15 -10.87 -4.74
C PRO A 182 11.42 -10.27 -5.33
N GLU A 183 11.85 -10.76 -6.50
CA GLU A 183 13.06 -10.22 -7.12
C GLU A 183 12.96 -8.73 -7.43
N VAL A 184 11.74 -8.19 -7.59
CA VAL A 184 11.65 -6.76 -7.87
C VAL A 184 12.14 -5.92 -6.69
N CYS A 185 12.21 -6.50 -5.49
CA CYS A 185 12.75 -5.77 -4.35
C CYS A 185 14.25 -5.47 -4.49
N TYR A 186 14.97 -6.30 -5.27
CA TYR A 186 16.44 -6.28 -5.23
C TYR A 186 17.01 -4.89 -5.52
N THR A 187 16.37 -4.14 -6.41
CA THR A 187 16.94 -2.87 -6.86
C THR A 187 16.38 -1.64 -6.13
N ILE A 188 15.46 -1.82 -5.20
CA ILE A 188 14.97 -0.67 -4.43
C ILE A 188 16.10 -0.10 -3.58
N PRO A 189 16.29 1.22 -3.56
CA PRO A 189 17.32 1.79 -2.69
C PRO A 189 17.11 1.42 -1.22
N ASP A 190 18.22 1.30 -0.48
CA ASP A 190 18.18 0.94 0.94
C ASP A 190 17.13 1.76 1.70
N ARG A 191 17.16 3.09 1.56
CA ARG A 191 16.28 3.93 2.37
C ARG A 191 14.81 3.64 2.10
N LEU A 192 14.44 3.40 0.84
CA LEU A 192 13.05 3.13 0.50
C LEU A 192 12.64 1.71 0.86
N MET A 193 13.59 0.77 0.84
CA MET A 193 13.30 -0.58 1.30
C MET A 193 13.04 -0.59 2.80
N ALA A 194 13.84 0.16 3.56
CA ALA A 194 13.62 0.27 5.00
C ALA A 194 12.26 0.90 5.29
N ALA A 195 11.93 1.97 4.58
CA ALA A 195 10.62 2.60 4.75
C ALA A 195 9.49 1.63 4.40
N GLY A 196 9.66 0.83 3.35
CA GLY A 196 8.61 -0.12 2.98
C GLY A 196 8.43 -1.22 4.00
N ILE A 197 9.52 -1.67 4.62
CA ILE A 197 9.40 -2.63 5.71
C ILE A 197 8.60 -2.04 6.88
N VAL A 198 8.87 -0.77 7.22
CA VAL A 198 8.12 -0.11 8.28
C VAL A 198 6.65 0.05 7.88
N ASP A 199 6.38 0.37 6.61
CA ASP A 199 4.99 0.47 6.16
C ASP A 199 4.22 -0.80 6.44
N ILE A 200 4.84 -1.96 6.18
CA ILE A 200 4.17 -3.23 6.45
C ILE A 200 3.87 -3.40 7.93
N LEU A 201 4.90 -3.19 8.78
CA LEU A 201 4.69 -3.32 10.22
C LEU A 201 3.63 -2.36 10.72
N SER A 202 3.66 -1.11 10.23
CA SER A 202 2.71 -0.08 10.67
C SER A 202 1.29 -0.45 10.30
N HIS A 203 1.09 -0.94 9.07
CA HIS A 203 -0.23 -1.40 8.63
C HIS A 203 -0.79 -2.46 9.58
N LEU A 204 0.05 -3.40 10.01
CA LEU A 204 -0.39 -4.43 10.94
C LEU A 204 -0.67 -3.85 12.32
N MET A 205 0.27 -3.04 12.84
CA MET A 205 0.10 -2.45 14.17
C MET A 205 -1.17 -1.59 14.24
N GLU A 206 -1.47 -0.84 13.17
CA GLU A 206 -2.69 -0.01 13.13
C GLU A 206 -3.95 -0.85 13.31
N ARG A 207 -3.95 -2.07 12.82
CA ARG A 207 -5.09 -2.96 13.06
C ARG A 207 -5.02 -3.65 14.41
N TYR A 208 -3.81 -3.86 14.94
CA TYR A 208 -3.63 -4.67 16.15
C TYR A 208 -4.13 -3.93 17.39
N PHE A 209 -3.73 -2.67 17.55
CA PHE A 209 -4.03 -1.94 18.78
C PHE A 209 -5.45 -1.43 18.67
N THR A 210 -6.35 -2.17 19.28
CA THR A 210 -7.77 -2.00 19.10
C THR A 210 -8.44 -2.20 20.44
N LYS A 211 -9.60 -1.59 20.61
CA LYS A 211 -10.44 -1.91 21.75
C LYS A 211 -11.42 -3.04 21.42
N SER A 212 -11.44 -3.54 20.19
CA SER A 212 -12.28 -4.69 19.85
C SER A 212 -11.90 -5.88 20.74
N ILE A 213 -12.88 -6.75 20.99
CA ILE A 213 -12.72 -7.86 21.94
C ILE A 213 -12.88 -9.19 21.21
N ASP A 214 -12.44 -10.27 21.88
CA ASP A 214 -12.64 -11.64 21.41
C ASP A 214 -12.01 -11.87 20.04
N THR A 215 -10.75 -11.45 19.91
CA THR A 215 -10.02 -11.53 18.65
C THR A 215 -8.77 -12.39 18.81
N ALA A 216 -8.86 -13.51 19.55
CA ALA A 216 -7.66 -14.25 19.91
C ALA A 216 -6.92 -14.78 18.68
N LEU A 217 -7.65 -15.38 17.73
CA LEU A 217 -6.97 -15.93 16.56
C LEU A 217 -6.42 -14.82 15.68
N SER A 218 -7.21 -13.77 15.45
CA SER A 218 -6.71 -12.61 14.71
C SER A 218 -5.47 -12.01 15.37
N ASP A 219 -5.47 -11.84 16.70
CA ASP A 219 -4.26 -11.40 17.40
C ASP A 219 -3.06 -12.27 17.03
N SER A 220 -3.23 -13.60 17.08
CA SER A 220 -2.13 -14.52 16.85
C SER A 220 -1.60 -14.44 15.42
N LEU A 221 -2.50 -14.32 14.43
CA LEU A 221 -2.07 -14.23 13.04
C LEU A 221 -1.35 -12.91 12.77
N ILE A 222 -1.87 -11.81 13.32
CA ILE A 222 -1.19 -10.53 13.15
C ILE A 222 0.16 -10.54 13.84
N GLU A 223 0.23 -11.08 15.07
CA GLU A 223 1.49 -11.18 15.79
C GLU A 223 2.50 -12.00 15.00
N ALA A 224 2.06 -13.13 14.45
CA ALA A 224 2.95 -13.99 13.66
C ALA A 224 3.52 -13.22 12.48
N THR A 225 2.67 -12.43 11.81
CA THR A 225 3.13 -11.69 10.63
C THR A 225 4.06 -10.56 11.03
N MET A 226 3.74 -9.85 12.13
CA MET A 226 4.63 -8.80 12.61
C MET A 226 5.99 -9.37 13.02
N LYS A 227 5.99 -10.50 13.73
CA LYS A 227 7.25 -11.13 14.16
C LYS A 227 8.15 -11.45 12.98
N ILE A 228 7.58 -11.91 11.87
CA ILE A 228 8.38 -12.22 10.69
C ILE A 228 8.99 -10.94 10.10
N VAL A 229 8.22 -9.86 10.08
CA VAL A 229 8.76 -8.58 9.60
C VAL A 229 9.90 -8.11 10.49
N ILE A 230 9.74 -8.23 11.81
CA ILE A 230 10.78 -7.79 12.73
C ILE A 230 12.02 -8.69 12.66
N LYS A 231 11.81 -9.99 12.41
CA LYS A 231 12.96 -10.90 12.30
C LYS A 231 13.67 -10.76 10.96
N TYR A 232 12.93 -10.72 9.85
CA TYR A 232 13.54 -10.81 8.52
C TYR A 232 13.87 -9.45 7.92
N GLY A 233 13.21 -8.37 8.35
CA GLY A 233 13.51 -7.05 7.87
C GLY A 233 14.98 -6.68 7.97
N PRO A 234 15.58 -6.81 9.15
CA PRO A 234 17.02 -6.49 9.28
C PRO A 234 17.91 -7.41 8.46
N LEU A 235 17.53 -8.67 8.26
CA LEU A 235 18.32 -9.56 7.42
C LEU A 235 18.22 -9.17 5.95
N LEU A 236 17.02 -8.83 5.48
CA LEU A 236 16.86 -8.34 4.12
C LEU A 236 17.72 -7.11 3.88
N MET A 237 17.71 -6.16 4.83
CA MET A 237 18.49 -4.93 4.65
C MET A 237 19.99 -5.21 4.51
N LYS A 238 20.48 -6.31 5.09
CA LYS A 238 21.91 -6.64 4.99
C LYS A 238 22.22 -7.66 3.90
N ASP A 239 21.21 -8.13 3.16
CA ASP A 239 21.38 -9.18 2.14
C ASP A 239 20.25 -8.96 1.13
N ARG A 240 20.39 -7.87 0.35
CA ARG A 240 19.27 -7.34 -0.43
C ARG A 240 18.84 -8.25 -1.57
N LYS A 241 19.74 -9.12 -2.06
CA LYS A 241 19.37 -10.03 -3.13
C LYS A 241 19.07 -11.43 -2.62
N ASN A 242 18.77 -11.59 -1.34
CA ASN A 242 18.42 -12.89 -0.77
C ASN A 242 16.96 -13.17 -1.10
N TYR A 243 16.70 -14.16 -1.98
CA TYR A 243 15.33 -14.43 -2.39
C TYR A 243 14.46 -14.89 -1.23
N ASN A 244 15.01 -15.73 -0.34
CA ASN A 244 14.28 -16.15 0.85
C ASN A 244 13.81 -14.95 1.66
N TYR A 245 14.72 -14.04 2.00
CA TYR A 245 14.36 -12.88 2.82
C TYR A 245 13.33 -12.01 2.12
N CYS A 246 13.54 -11.72 0.84
CA CYS A 246 12.58 -10.91 0.11
C CYS A 246 11.21 -11.58 0.03
N SER A 247 11.21 -12.91 -0.12
CA SER A 247 9.96 -13.66 -0.21
C SER A 247 9.16 -13.56 1.09
N GLN A 248 9.84 -13.70 2.23
CA GLN A 248 9.12 -13.61 3.51
C GLN A 248 8.51 -12.22 3.69
N ILE A 249 9.26 -11.18 3.32
CA ILE A 249 8.76 -9.82 3.51
C ILE A 249 7.67 -9.49 2.50
N MET A 250 7.85 -9.89 1.23
CA MET A 250 6.78 -9.63 0.26
C MET A 250 5.50 -10.38 0.61
N TRP A 251 5.62 -11.63 1.09
CA TRP A 251 4.41 -12.37 1.47
C TRP A 251 3.80 -11.80 2.75
N ALA A 252 4.62 -11.30 3.68
CA ALA A 252 4.06 -10.60 4.85
C ALA A 252 3.27 -9.37 4.44
N ALA A 253 3.77 -8.64 3.43
CA ALA A 253 3.05 -7.48 2.92
C ALA A 253 1.73 -7.89 2.31
N THR A 254 1.74 -8.99 1.55
CA THR A 254 0.51 -9.52 0.97
C THR A 254 -0.48 -9.92 2.06
N MET A 255 0.00 -10.61 3.11
CA MET A 255 -0.89 -10.99 4.18
C MET A 255 -1.50 -9.77 4.85
N ALA A 256 -0.67 -8.75 5.10
CA ALA A 256 -1.17 -7.52 5.71
C ALA A 256 -2.19 -6.83 4.82
N HIS A 257 -1.94 -6.76 3.51
CA HIS A 257 -2.83 -6.03 2.59
C HIS A 257 -4.10 -6.82 2.34
N ASN A 258 -3.97 -8.12 2.06
CA ASN A 258 -5.15 -8.96 1.90
C ASN A 258 -6.10 -8.76 3.06
N GLY A 259 -5.56 -8.75 4.29
CA GLY A 259 -6.31 -8.32 5.46
C GLY A 259 -7.17 -9.36 6.14
N MET A 260 -7.22 -10.59 5.64
CA MET A 260 -8.07 -11.61 6.25
C MET A 260 -7.65 -11.93 7.68
N ILE A 261 -6.36 -11.80 7.99
CA ILE A 261 -5.90 -12.02 9.35
C ILE A 261 -6.36 -10.92 10.30
N ALA A 262 -6.91 -9.82 9.78
CA ALA A 262 -7.35 -8.69 10.61
C ALA A 262 -8.87 -8.59 10.69
N CYS A 263 -9.61 -9.53 10.09
CA CYS A 263 -11.05 -9.51 10.15
C CYS A 263 -11.52 -9.53 11.60
N GLY A 264 -12.47 -8.65 11.91
CA GLY A 264 -13.07 -8.62 13.22
C GLY A 264 -12.54 -7.56 14.18
N ARG A 265 -11.70 -6.64 13.72
CA ARG A 265 -11.14 -5.65 14.64
C ARG A 265 -11.14 -4.27 14.00
N VAL A 266 -11.29 -3.25 14.87
CA VAL A 266 -11.34 -1.85 14.45
C VAL A 266 -9.94 -1.24 14.48
N ALA A 267 -9.51 -0.70 13.34
CA ALA A 267 -8.20 -0.10 13.14
C ALA A 267 -8.19 1.36 13.60
N ASP A 268 -6.99 1.86 13.90
CA ASP A 268 -6.79 3.23 14.34
C ASP A 268 -5.78 3.90 13.42
N TRP A 269 -6.18 5.04 12.85
CA TRP A 269 -5.38 5.75 11.86
C TRP A 269 -4.73 7.00 12.41
N ALA A 270 -4.64 7.13 13.74
CA ALA A 270 -4.10 8.35 14.33
C ALA A 270 -2.64 8.54 13.90
N SER A 271 -1.82 7.50 14.03
CA SER A 271 -0.41 7.65 13.65
C SER A 271 -0.29 7.99 12.18
N HIS A 272 -1.10 7.36 11.34
CA HIS A 272 -1.08 7.64 9.91
C HIS A 272 -1.43 9.10 9.63
N ARG A 273 -2.46 9.61 10.30
CA ARG A 273 -2.90 10.98 10.03
CA ARG A 273 -2.91 10.97 10.04
C ARG A 273 -1.88 12.00 10.51
N ILE A 274 -1.29 11.78 11.70
CA ILE A 274 -0.25 12.69 12.19
C ILE A 274 0.95 12.69 11.24
N GLU A 275 1.44 11.50 10.89
CA GLU A 275 2.54 11.39 9.93
C GLU A 275 2.20 12.07 8.60
N HIS A 276 0.94 11.95 8.16
CA HIS A 276 0.54 12.59 6.91
C HIS A 276 0.86 14.08 6.93
N GLU A 277 0.56 14.76 8.04
CA GLU A 277 0.80 16.20 8.10
C GLU A 277 2.28 16.53 8.12
N ILE A 278 3.10 15.65 8.68
CA ILE A 278 4.55 15.86 8.65
C ILE A 278 5.07 15.79 7.22
N SER A 279 4.68 14.74 6.49
CA SER A 279 5.12 14.62 5.10
C SER A 279 4.52 15.69 4.21
N GLY A 280 3.40 16.30 4.61
CA GLY A 280 2.84 17.40 3.84
C GLY A 280 3.68 18.65 3.88
N ILE A 281 4.40 18.88 4.96
CA ILE A 281 5.24 20.06 5.12
C ILE A 281 6.69 19.77 4.75
N TYR A 282 7.18 18.62 5.14
CA TYR A 282 8.58 18.26 4.96
C TYR A 282 8.70 17.14 3.95
N ASP A 283 9.92 16.96 3.44
CA ASP A 283 10.18 15.90 2.48
C ASP A 283 10.60 14.66 3.28
N LEU A 284 9.59 13.94 3.78
CA LEU A 284 9.82 12.79 4.64
C LEU A 284 9.10 11.58 4.06
N THR A 285 9.86 10.54 3.75
CA THR A 285 9.26 9.29 3.28
C THR A 285 8.30 8.75 4.32
N HIS A 286 7.14 8.27 3.85
CA HIS A 286 6.06 7.80 4.72
C HIS A 286 6.55 6.82 5.78
N GLY A 287 7.21 5.75 5.35
CA GLY A 287 7.66 4.72 6.29
C GLY A 287 8.65 5.25 7.32
N ILE A 288 9.51 6.19 6.92
CA ILE A 288 10.41 6.82 7.87
C ILE A 288 9.62 7.58 8.92
N GLY A 289 8.62 8.36 8.47
CA GLY A 289 7.78 9.08 9.42
C GLY A 289 7.02 8.15 10.35
N MET A 290 6.56 7.00 9.85
CA MET A 290 5.85 6.06 10.72
C MET A 290 6.78 5.51 11.79
N ALA A 291 8.05 5.26 11.44
CA ALA A 291 9.01 4.75 12.42
C ALA A 291 9.23 5.76 13.55
N ILE A 292 9.15 7.05 13.24
CA ILE A 292 9.31 8.11 14.22
C ILE A 292 8.03 8.26 15.06
N ILE A 293 6.88 8.27 14.40
CA ILE A 293 5.63 8.62 15.07
C ILE A 293 5.04 7.46 15.85
N PHE A 294 5.07 6.23 15.31
CA PHE A 294 4.36 5.14 16.00
C PHE A 294 4.85 4.89 17.42
N PRO A 295 6.17 4.85 17.70
CA PRO A 295 6.58 4.68 19.09
C PRO A 295 6.13 5.81 19.99
N ALA A 296 6.09 7.05 19.48
CA ALA A 296 5.56 8.15 20.28
C ALA A 296 4.07 7.97 20.56
N TRP A 297 3.31 7.54 19.56
CA TRP A 297 1.89 7.23 19.79
C TRP A 297 1.72 6.12 20.82
N MET A 298 2.59 5.10 20.79
CA MET A 298 2.46 4.01 21.75
C MET A 298 2.71 4.50 23.16
N LYS A 299 3.76 5.31 23.36
CA LYS A 299 4.00 5.87 24.69
C LYS A 299 2.78 6.63 25.17
N TYR A 300 2.20 7.47 24.31
CA TYR A 300 1.12 8.34 24.73
C TYR A 300 -0.15 7.56 25.08
N THR A 301 -0.43 6.49 24.35
CA THR A 301 -1.66 5.74 24.53
C THR A 301 -1.47 4.49 25.39
N LYS A 302 -0.31 4.35 26.07
CA LYS A 302 0.02 3.11 26.77
C LYS A 302 -0.94 2.80 27.91
N ASN A 303 -1.74 3.78 28.36
CA ASN A 303 -2.64 3.54 29.48
C ASN A 303 -4.06 3.17 29.08
N ILE A 304 -4.40 3.22 27.79
CA ILE A 304 -5.76 2.95 27.36
C ILE A 304 -6.12 1.48 27.62
N ARG A 305 -5.26 0.57 27.17
CA ARG A 305 -5.50 -0.87 27.31
C ARG A 305 -4.16 -1.54 27.52
N PRO A 306 -3.59 -1.40 28.72
CA PRO A 306 -2.21 -1.88 28.91
C PRO A 306 -2.06 -3.36 28.65
N GLN A 307 -3.13 -4.16 28.82
CA GLN A 307 -2.99 -5.60 28.60
C GLN A 307 -2.72 -5.92 27.13
N ILE A 308 -3.25 -5.12 26.19
CA ILE A 308 -2.98 -5.41 24.78
C ILE A 308 -1.55 -5.00 24.43
N PHE A 309 -1.02 -3.95 25.06
CA PHE A 309 0.40 -3.64 24.85
C PHE A 309 1.29 -4.72 25.45
N GLU A 310 0.94 -5.22 26.63
CA GLU A 310 1.73 -6.33 27.20
C GLU A 310 1.73 -7.53 26.26
N LYS A 311 0.56 -7.86 25.71
CA LYS A 311 0.47 -8.98 24.78
C LYS A 311 1.33 -8.75 23.55
N PHE A 312 1.23 -7.55 22.95
CA PHE A 312 2.06 -7.21 21.80
C PHE A 312 3.53 -7.44 22.09
N PHE A 313 4.03 -6.82 23.17
CA PHE A 313 5.47 -6.89 23.40
C PHE A 313 5.89 -8.29 23.86
N LYS A 314 5.00 -9.03 24.53
CA LYS A 314 5.34 -10.40 24.89
C LYS A 314 5.39 -11.30 23.65
N GLU A 315 4.37 -11.23 22.82
CA GLU A 315 4.28 -12.15 21.67
C GLU A 315 5.24 -11.77 20.56
N VAL A 316 5.54 -10.48 20.41
CA VAL A 316 6.37 -10.02 19.29
C VAL A 316 7.81 -9.78 19.71
N PHE A 317 8.03 -9.26 20.91
CA PHE A 317 9.38 -8.90 21.34
C PHE A 317 9.85 -9.70 22.55
N ASN A 318 9.07 -10.68 23.00
CA ASN A 318 9.40 -11.56 24.12
C ASN A 318 9.69 -10.79 25.41
N THR A 319 8.93 -9.73 25.68
CA THR A 319 9.03 -9.10 26.98
C THR A 319 7.66 -8.57 27.40
N VAL A 320 7.30 -8.77 28.67
CA VAL A 320 6.07 -8.16 29.17
C VAL A 320 6.28 -6.74 29.65
N ASN A 321 7.52 -6.27 29.69
CA ASN A 321 7.84 -4.92 30.13
C ASN A 321 7.61 -3.93 28.98
N ILE A 322 6.64 -3.04 29.14
CA ILE A 322 6.23 -2.18 28.02
C ILE A 322 7.35 -1.21 27.65
N ASP A 323 8.00 -0.60 28.63
CA ASP A 323 9.08 0.34 28.34
C ASP A 323 10.24 -0.36 27.65
N GLU A 324 10.61 -1.55 28.13
CA GLU A 324 11.66 -2.31 27.47
C GLU A 324 11.23 -2.73 26.07
N GLY A 325 9.97 -3.11 25.89
CA GLY A 325 9.51 -3.49 24.57
C GLY A 325 9.52 -2.33 23.60
N ILE A 326 9.12 -1.14 24.07
CA ILE A 326 9.16 0.03 23.21
C ILE A 326 10.59 0.33 22.78
N ASN A 327 11.54 0.18 23.71
CA ASN A 327 12.94 0.38 23.33
C ASN A 327 13.40 -0.64 22.30
N LYS A 328 12.95 -1.90 22.41
CA LYS A 328 13.27 -2.92 21.41
C LYS A 328 12.69 -2.57 20.05
N LEU A 329 11.47 -2.04 20.03
CA LEU A 329 10.87 -1.60 18.78
C LEU A 329 11.70 -0.48 18.14
N GLU A 330 12.12 0.48 18.96
CA GLU A 330 12.96 1.57 18.45
C GLU A 330 14.30 1.05 17.96
N GLU A 331 14.90 0.13 18.70
CA GLU A 331 16.12 -0.53 18.25
C GLU A 331 15.92 -1.23 16.93
N PHE A 332 14.77 -1.88 16.74
CA PHE A 332 14.49 -2.51 15.45
C PHE A 332 14.54 -1.50 14.32
N PHE A 333 13.85 -0.37 14.49
CA PHE A 333 13.88 0.66 13.45
C PHE A 333 15.30 1.11 13.16
N LYS A 334 16.09 1.35 14.22
CA LYS A 334 17.48 1.76 14.03
C LYS A 334 18.27 0.74 13.22
N SER A 335 18.01 -0.56 13.46
CA SER A 335 18.70 -1.62 12.73
C SER A 335 18.37 -1.61 11.24
N LEU A 336 17.29 -0.94 10.83
CA LEU A 336 17.02 -0.74 9.42
C LEU A 336 17.73 0.48 8.86
N GLY A 337 18.50 1.20 9.68
CA GLY A 337 19.15 2.44 9.28
C GLY A 337 18.34 3.70 9.48
N ILE A 338 17.26 3.67 10.26
CA ILE A 338 16.36 4.80 10.40
C ILE A 338 16.70 5.58 11.66
N ASN A 339 16.91 6.89 11.52
CA ASN A 339 17.02 7.76 12.69
C ASN A 339 15.63 8.08 13.22
N LEU A 340 15.50 8.17 14.55
CA LEU A 340 14.19 8.10 15.18
C LEU A 340 13.68 9.40 15.79
N LYS A 341 14.39 10.52 15.63
CA LYS A 341 13.91 11.81 16.11
C LYS A 341 13.63 12.74 14.92
N LEU A 342 12.53 13.49 15.00
CA LEU A 342 12.21 14.45 13.95
C LEU A 342 13.36 15.44 13.74
N SER A 343 14.01 15.86 14.83
CA SER A 343 15.12 16.80 14.71
C SER A 343 16.30 16.20 13.96
N ASP A 344 16.39 14.86 13.86
CA ASP A 344 17.43 14.25 13.04
C ASP A 344 17.27 14.61 11.57
N TYR A 345 16.11 15.12 11.19
CA TYR A 345 15.80 15.43 9.80
C TYR A 345 15.61 16.93 9.58
N GLY A 346 16.07 17.75 10.52
CA GLY A 346 15.86 19.18 10.44
C GLY A 346 14.45 19.63 10.74
N ILE A 347 13.63 18.76 11.30
CA ILE A 347 12.25 19.11 11.65
C ILE A 347 12.28 19.66 13.08
N THR A 348 11.96 20.95 13.22
CA THR A 348 11.87 21.57 14.53
C THR A 348 10.42 21.55 14.99
N GLU A 349 10.16 22.15 16.15
CA GLU A 349 8.80 22.23 16.64
C GLU A 349 8.00 23.35 15.99
N GLU A 350 8.56 24.03 14.99
CA GLU A 350 7.94 25.23 14.43
C GLU A 350 6.49 25.00 14.01
N TYR A 351 6.21 23.91 13.29
CA TYR A 351 4.89 23.71 12.75
C TYR A 351 4.07 22.65 13.49
N PHE A 352 4.45 22.31 14.73
CA PHE A 352 3.72 21.25 15.43
C PHE A 352 2.25 21.59 15.61
N SER A 353 1.94 22.81 16.07
CA SER A 353 0.54 23.13 16.30
C SER A 353 -0.23 23.21 14.98
N LEU A 354 0.42 23.67 13.91
CA LEU A 354 -0.23 23.69 12.60
C LEU A 354 -0.54 22.28 12.12
N MET A 355 0.43 21.38 12.27
CA MET A 355 0.20 20.01 11.84
C MET A 355 -0.92 19.34 12.64
N ALA A 356 -0.98 19.62 13.95
CA ALA A 356 -2.10 19.12 14.76
C ALA A 356 -3.43 19.67 14.29
N GLU A 357 -3.47 20.98 14.01
CA GLU A 357 -4.70 21.60 13.52
C GLU A 357 -5.14 20.98 12.20
N LYS A 358 -4.20 20.81 11.28
CA LYS A 358 -4.55 20.23 9.97
C LYS A 358 -4.95 18.77 10.11
N ALA A 359 -4.25 18.01 10.97
CA ALA A 359 -4.61 16.61 11.18
C ALA A 359 -6.05 16.48 11.66
N LEU A 360 -6.47 17.39 12.54
CA LEU A 360 -7.81 17.31 13.11
C LEU A 360 -8.89 17.75 12.12
N GLY A 361 -8.58 18.70 11.24
CA GLY A 361 -9.59 19.24 10.35
C GLY A 361 -10.71 19.90 11.14
N ASN A 362 -11.94 19.46 10.86
CA ASN A 362 -13.13 20.01 11.51
C ASN A 362 -13.51 19.27 12.78
N SER A 363 -12.78 18.23 13.17
CA SER A 363 -13.12 17.47 14.36
C SER A 363 -12.38 18.02 15.57
N GLU A 364 -12.91 17.72 16.75
CA GLU A 364 -12.20 18.06 17.97
C GLU A 364 -11.17 17.01 18.39
N THR A 365 -11.35 15.75 17.98
CA THR A 365 -10.37 14.71 18.28
C THR A 365 -10.11 13.90 17.02
N LEU A 366 -9.01 13.14 17.04
CA LEU A 366 -8.83 12.10 16.05
C LEU A 366 -8.37 10.83 16.74
N GLY A 367 -8.69 9.70 16.15
CA GLY A 367 -8.28 8.41 16.66
C GLY A 367 -9.43 7.67 17.30
N ARG A 368 -9.25 6.35 17.42
CA ARG A 368 -10.26 5.45 17.95
C ARG A 368 -9.81 4.74 19.20
N PHE A 369 -8.60 4.14 19.18
CA PHE A 369 -8.03 3.52 20.37
C PHE A 369 -7.96 4.53 21.51
N MET A 370 -7.43 5.72 21.21
CA MET A 370 -7.52 6.86 22.12
C MET A 370 -7.92 8.06 21.29
N GLN A 371 -8.91 8.81 21.77
CA GLN A 371 -9.31 10.02 21.07
C GLN A 371 -8.36 11.14 21.48
N LEU A 372 -7.68 11.72 20.50
CA LEU A 372 -6.60 12.67 20.74
C LEU A 372 -7.08 14.05 20.33
N ASN A 373 -6.99 15.02 21.25
CA ASN A 373 -7.27 16.40 20.88
C ASN A 373 -5.99 17.08 20.40
N LYS A 374 -6.09 18.38 20.12
CA LYS A 374 -4.96 19.13 19.55
C LYS A 374 -3.73 19.06 20.44
N GLN A 375 -3.87 19.30 21.75
CA GLN A 375 -2.69 19.26 22.61
C GLN A 375 -2.13 17.84 22.74
N ASP A 376 -2.99 16.82 22.74
CA ASP A 376 -2.51 15.43 22.72
C ASP A 376 -1.59 15.20 21.53
N ILE A 377 -2.01 15.67 20.34
CA ILE A 377 -1.22 15.49 19.13
C ILE A 377 0.11 16.23 19.26
N ILE A 378 0.07 17.46 19.77
CA ILE A 378 1.31 18.21 20.01
C ILE A 378 2.21 17.46 21.00
N ASN A 379 1.62 16.86 22.04
CA ASN A 379 2.45 16.07 22.97
C ASN A 379 3.12 14.89 22.26
N ILE A 380 2.39 14.22 21.38
CA ILE A 380 2.97 13.09 20.64
C ILE A 380 4.10 13.57 19.74
N LEU A 381 3.93 14.70 19.08
CA LEU A 381 5.01 15.25 18.27
C LEU A 381 6.21 15.62 19.14
N ASN A 382 5.97 16.13 20.34
CA ASN A 382 7.06 16.41 21.28
C ASN A 382 7.77 15.13 21.72
N LEU A 383 7.02 14.05 21.95
CA LEU A 383 7.67 12.76 22.25
C LEU A 383 8.58 12.31 21.12
N ALA A 384 8.25 12.68 19.88
CA ALA A 384 8.99 12.26 18.69
C ALA A 384 10.05 13.26 18.26
N LYS A 385 10.14 14.42 18.91
CA LYS A 385 11.05 15.46 18.48
C LYS A 385 12.50 15.03 18.69
P PO4 B . 18.51 8.59 17.10
O1 PO4 B . 19.73 7.96 17.73
O2 PO4 B . 17.34 8.54 18.05
O3 PO4 B . 18.82 10.05 16.82
O4 PO4 B . 18.19 7.86 15.81
#